data_2DXU
#
_entry.id   2DXU
#
_cell.length_a   38.236
_cell.length_b   82.851
_cell.length_c   72.354
_cell.angle_alpha   90.00
_cell.angle_beta   101.37
_cell.angle_gamma   90.00
#
_symmetry.space_group_name_H-M   'P 1 21 1'
#
loop_
_entity.id
_entity.type
_entity.pdbx_description
1 polymer 'biotin--[acetyl-CoA-carboxylase] ligase'
2 non-polymer BIOTINYL-5-AMP
3 water water
#
_entity_poly.entity_id   1
_entity_poly.type   'polypeptide(L)'
_entity_poly.pdbx_seq_one_letter_code
;MLGLKTSIIGRRVIYFQEITSTNEFAKTSYLEEGTVIVADKQTMGHGALNRKWESPEGGLWLSIVLSPKVPQKDLPKIVF
LGAVGVVETLKEFSIDGRIKWPNDVLVNYKKIAGVLVEGKGDKIVLGIGLNVNNKVPNGATSMKLELGSEVPLLSVFRSL
ITNLDRLYLNFLKNPMDILNLVRDNMILGVRVKILGDGSFEGIAEDIDDFGRLIIRLDSGEVKKVIYGDVSLRFL
;
_entity_poly.pdbx_strand_id   A,B
#
loop_
_chem_comp.id
_chem_comp.type
_chem_comp.name
_chem_comp.formula
BT5 RNA linking BIOTINYL-5-AMP 'C20 H28 N7 O9 P S'
#
# COMPACT_ATOMS: atom_id res chain seq x y z
N MET A 1 -4.81 -0.23 -6.61
CA MET A 1 -4.26 -1.25 -7.54
C MET A 1 -4.15 -2.61 -6.86
N LEU A 2 -4.26 -2.63 -5.54
CA LEU A 2 -4.15 -3.87 -4.78
C LEU A 2 -5.40 -4.75 -4.84
N GLY A 3 -6.55 -4.13 -5.11
CA GLY A 3 -7.78 -4.89 -5.21
C GLY A 3 -8.22 -5.63 -3.95
N LEU A 4 -8.01 -5.04 -2.78
CA LEU A 4 -8.41 -5.67 -1.54
C LEU A 4 -9.95 -5.66 -1.48
N LYS A 5 -10.52 -6.75 -0.98
CA LYS A 5 -11.97 -6.88 -0.88
C LYS A 5 -12.49 -6.99 0.55
N THR A 6 -11.66 -6.59 1.49
CA THR A 6 -12.01 -6.63 2.91
C THR A 6 -13.01 -5.51 3.20
N SER A 7 -13.79 -5.67 4.28
CA SER A 7 -14.81 -4.70 4.66
C SER A 7 -14.29 -3.48 5.42
N ILE A 8 -13.44 -3.72 6.41
CA ILE A 8 -12.89 -2.64 7.23
C ILE A 8 -11.37 -2.58 7.21
N ILE A 9 -10.73 -3.66 7.64
CA ILE A 9 -9.28 -3.68 7.66
C ILE A 9 -8.74 -3.78 6.24
N GLY A 10 -8.03 -2.74 5.82
CA GLY A 10 -7.48 -2.72 4.48
C GLY A 10 -8.26 -1.77 3.54
N ARG A 11 -9.24 -1.04 4.12
CA ARG A 11 -9.95 -0.07 3.28
C ARG A 11 -8.99 0.94 2.66
N ARG A 12 -7.97 1.27 3.48
CA ARG A 12 -6.86 2.06 3.02
C ARG A 12 -5.56 1.45 3.55
N VAL A 13 -4.49 1.62 2.79
CA VAL A 13 -3.19 1.10 3.19
C VAL A 13 -2.14 2.15 2.89
N ILE A 14 -1.32 2.47 3.88
CA ILE A 14 -0.25 3.44 3.67
C ILE A 14 1.06 2.65 3.77
N TYR A 15 1.76 2.57 2.65
CA TYR A 15 3.02 1.86 2.54
C TYR A 15 4.21 2.82 2.58
N PHE A 16 5.27 2.41 3.29
CA PHE A 16 6.49 3.19 3.42
C PHE A 16 7.71 2.34 3.08
N GLN A 17 8.65 2.90 2.34
CA GLN A 17 9.88 2.16 2.07
C GLN A 17 10.59 2.03 3.42
N GLU A 18 10.49 3.07 4.25
CA GLU A 18 11.10 3.06 5.57
C GLU A 18 10.33 3.97 6.51
N ILE A 19 10.28 3.60 7.78
CA ILE A 19 9.55 4.39 8.77
C ILE A 19 10.21 4.16 10.12
N THR A 20 9.94 5.04 11.08
CA THR A 20 10.49 4.86 12.42
C THR A 20 9.77 3.66 13.03
N SER A 21 8.44 3.74 13.10
CA SER A 21 7.63 2.67 13.65
C SER A 21 6.21 2.81 13.16
N THR A 22 5.64 1.74 12.59
CA THR A 22 4.26 1.82 12.10
C THR A 22 3.30 2.06 13.27
N ASN A 23 3.61 1.51 14.44
CA ASN A 23 2.72 1.71 15.60
C ASN A 23 2.74 3.18 16.02
N GLU A 24 3.91 3.79 16.02
CA GLU A 24 4.02 5.19 16.40
C GLU A 24 3.31 6.08 15.38
N PHE A 25 3.49 5.80 14.09
CA PHE A 25 2.84 6.58 13.06
C PHE A 25 1.33 6.46 13.16
N ALA A 26 0.85 5.24 13.40
CA ALA A 26 -0.59 4.98 13.52
C ALA A 26 -1.21 5.67 14.73
N LYS A 27 -0.51 5.64 15.87
CA LYS A 27 -1.02 6.28 17.08
C LYS A 27 -1.07 7.80 16.94
N THR A 28 -0.02 8.36 16.37
CA THR A 28 0.12 9.80 16.21
C THR A 28 -0.71 10.46 15.12
N SER A 29 -0.83 9.82 13.97
CA SER A 29 -1.55 10.41 12.85
C SER A 29 -3.07 10.32 12.90
N TYR A 30 -3.72 11.22 12.16
CA TYR A 30 -5.17 11.23 12.06
C TYR A 30 -5.49 10.26 10.93
N LEU A 31 -5.97 9.08 11.31
CA LEU A 31 -6.29 8.02 10.36
C LEU A 31 -7.66 7.41 10.61
N GLU A 32 -8.30 6.93 9.55
CA GLU A 32 -9.62 6.31 9.66
C GLU A 32 -9.52 4.85 10.09
N GLU A 33 -10.58 4.33 10.68
CA GLU A 33 -10.60 2.94 11.10
C GLU A 33 -10.35 2.01 9.93
N GLY A 34 -9.54 0.99 10.14
CA GLY A 34 -9.26 0.03 9.09
C GLY A 34 -8.01 0.33 8.30
N THR A 35 -7.44 1.52 8.48
CA THR A 35 -6.24 1.87 7.75
C THR A 35 -5.07 1.05 8.26
N VAL A 36 -4.32 0.48 7.31
CA VAL A 36 -3.16 -0.33 7.61
C VAL A 36 -1.91 0.47 7.26
N ILE A 37 -0.96 0.51 8.18
CA ILE A 37 0.30 1.21 7.99
C ILE A 37 1.33 0.08 7.88
N VAL A 38 2.05 0.02 6.76
CA VAL A 38 3.02 -1.06 6.54
C VAL A 38 4.31 -0.50 5.96
N ALA A 39 5.44 -1.06 6.37
CA ALA A 39 6.73 -0.57 5.91
C ALA A 39 7.72 -1.68 5.59
N ASP A 40 8.58 -1.46 4.60
CA ASP A 40 9.59 -2.47 4.26
C ASP A 40 10.52 -2.69 5.45
N LYS A 41 10.85 -1.61 6.15
CA LYS A 41 11.71 -1.70 7.31
C LYS A 41 11.42 -0.57 8.29
N GLN A 42 11.73 -0.80 9.55
CA GLN A 42 11.53 0.18 10.61
C GLN A 42 12.89 0.46 11.23
N THR A 43 13.15 1.74 11.53
CA THR A 43 14.41 2.13 12.14
C THR A 43 14.28 2.16 13.65
N MET A 44 13.04 2.26 14.14
CA MET A 44 12.78 2.31 15.57
C MET A 44 11.63 1.41 15.99
N GLY A 45 11.59 0.20 15.44
CA GLY A 45 10.53 -0.72 15.81
C GLY A 45 10.64 -1.08 17.27
N HIS A 46 9.50 -1.32 17.92
CA HIS A 46 9.54 -1.67 19.32
C HIS A 46 8.47 -2.65 19.74
N GLY A 47 8.73 -3.28 20.88
CA GLY A 47 7.79 -4.22 21.47
C GLY A 47 7.28 -3.49 22.70
N ALA A 48 6.94 -4.24 23.75
CA ALA A 48 6.45 -3.61 24.98
C ALA A 48 7.62 -3.00 25.73
N LEU A 49 7.33 -2.03 26.60
CA LEU A 49 8.36 -1.37 27.39
C LEU A 49 9.50 -0.82 26.54
N ASN A 50 9.17 -0.41 25.33
CA ASN A 50 10.14 0.14 24.39
C ASN A 50 11.29 -0.79 24.03
N ARG A 51 11.06 -2.09 24.16
CA ARG A 51 12.02 -3.10 23.77
C ARG A 51 12.29 -2.97 22.30
N LYS A 52 13.52 -3.14 21.84
CA LYS A 52 13.83 -3.05 20.42
C LYS A 52 13.24 -4.21 19.62
N TRP A 53 12.57 -3.87 18.51
CA TRP A 53 12.02 -4.90 17.63
C TRP A 53 12.80 -4.80 16.33
N GLU A 54 13.59 -5.83 16.01
CA GLU A 54 14.38 -5.84 14.79
C GLU A 54 13.44 -5.93 13.59
N SER A 55 13.55 -4.94 12.71
CA SER A 55 12.65 -4.84 11.55
C SER A 55 13.36 -4.67 10.22
N PRO A 56 14.20 -5.63 9.82
CA PRO A 56 14.91 -5.54 8.55
C PRO A 56 14.03 -5.83 7.35
N GLU A 57 14.54 -5.53 6.17
CA GLU A 57 13.78 -5.80 4.95
C GLU A 57 13.58 -7.30 4.83
N GLY A 58 12.40 -7.68 4.36
CA GLY A 58 12.07 -9.08 4.20
C GLY A 58 10.96 -9.53 5.14
N GLY A 59 10.68 -8.72 6.15
CA GLY A 59 9.63 -9.06 7.10
C GLY A 59 8.36 -8.25 6.88
N LEU A 60 7.31 -8.62 7.61
CA LEU A 60 6.03 -7.92 7.50
C LEU A 60 5.83 -7.13 8.79
N TRP A 61 5.95 -5.81 8.69
CA TRP A 61 5.84 -4.89 9.81
C TRP A 61 4.65 -3.98 9.53
N LEU A 62 3.56 -4.17 10.27
CA LEU A 62 2.38 -3.35 10.04
C LEU A 62 1.58 -3.05 11.29
N SER A 63 0.71 -2.05 11.16
CA SER A 63 -0.16 -1.62 12.24
C SER A 63 -1.52 -1.35 11.64
N ILE A 64 -2.56 -1.57 12.44
CA ILE A 64 -3.93 -1.35 11.98
C ILE A 64 -4.66 -0.46 12.97
N VAL A 65 -5.32 0.57 12.44
CA VAL A 65 -6.10 1.49 13.27
C VAL A 65 -7.49 0.91 13.47
N LEU A 66 -7.89 0.76 14.73
CA LEU A 66 -9.21 0.22 15.06
C LEU A 66 -9.97 1.13 16.00
N SER A 67 -11.30 1.13 15.87
CA SER A 67 -12.19 1.92 16.73
C SER A 67 -13.31 0.98 17.15
N PRO A 68 -12.95 -0.12 17.84
CA PRO A 68 -13.89 -1.14 18.31
C PRO A 68 -15.02 -0.65 19.20
N LYS A 69 -16.25 -0.80 18.72
CA LYS A 69 -17.40 -0.39 19.49
C LYS A 69 -17.89 -1.59 20.30
N VAL A 70 -17.16 -1.91 21.36
CA VAL A 70 -17.47 -3.03 22.25
C VAL A 70 -17.22 -2.55 23.68
N PRO A 71 -17.69 -3.31 24.69
CA PRO A 71 -17.50 -2.90 26.08
C PRO A 71 -16.03 -2.72 26.40
N GLN A 72 -15.75 -1.85 27.36
CA GLN A 72 -14.39 -1.58 27.78
C GLN A 72 -13.73 -2.88 28.24
N LYS A 73 -14.54 -3.78 28.78
CA LYS A 73 -14.06 -5.06 29.28
C LYS A 73 -13.60 -6.04 28.20
N ASP A 74 -14.01 -5.79 26.95
CA ASP A 74 -13.63 -6.67 25.84
C ASP A 74 -12.41 -6.18 25.07
N LEU A 75 -12.06 -4.91 25.25
CA LEU A 75 -10.91 -4.32 24.55
C LEU A 75 -9.58 -5.06 24.72
N PRO A 76 -9.32 -5.65 25.90
CA PRO A 76 -8.06 -6.36 26.11
C PRO A 76 -7.85 -7.59 25.21
N LYS A 77 -8.90 -8.02 24.51
CA LYS A 77 -8.81 -9.17 23.64
C LYS A 77 -8.33 -8.89 22.22
N ILE A 78 -8.14 -7.61 21.89
CA ILE A 78 -7.68 -7.25 20.56
C ILE A 78 -6.34 -7.89 20.21
N VAL A 79 -5.45 -8.02 21.20
CA VAL A 79 -4.16 -8.64 20.95
C VAL A 79 -4.34 -10.06 20.39
N PHE A 80 -5.36 -10.76 20.87
CA PHE A 80 -5.63 -12.12 20.41
C PHE A 80 -6.06 -12.16 18.94
N LEU A 81 -6.71 -11.10 18.48
CA LEU A 81 -7.12 -11.05 17.07
C LEU A 81 -5.85 -11.09 16.23
N GLY A 82 -4.83 -10.34 16.64
CA GLY A 82 -3.57 -10.32 15.92
C GLY A 82 -2.87 -11.67 15.94
N ALA A 83 -2.79 -12.27 17.13
CA ALA A 83 -2.13 -13.56 17.27
C ALA A 83 -2.81 -14.66 16.46
N VAL A 84 -4.13 -14.73 16.55
CA VAL A 84 -4.87 -15.74 15.81
C VAL A 84 -4.77 -15.49 14.30
N GLY A 85 -4.83 -14.22 13.89
CA GLY A 85 -4.72 -13.90 12.48
C GLY A 85 -3.39 -14.40 11.92
N VAL A 86 -2.32 -14.19 12.67
CA VAL A 86 -1.00 -14.64 12.25
C VAL A 86 -0.97 -16.17 12.16
N VAL A 87 -1.53 -16.85 13.16
CA VAL A 87 -1.54 -18.31 13.13
C VAL A 87 -2.30 -18.84 11.90
N GLU A 88 -3.44 -18.25 11.61
CA GLU A 88 -4.23 -18.70 10.46
C GLU A 88 -3.45 -18.50 9.17
N THR A 89 -2.77 -17.36 9.04
CA THR A 89 -1.97 -17.11 7.85
C THR A 89 -0.84 -18.12 7.75
N LEU A 90 -0.17 -18.41 8.87
CA LEU A 90 0.91 -19.39 8.85
C LEU A 90 0.40 -20.75 8.41
N LYS A 91 -0.77 -21.15 8.89
CA LYS A 91 -1.33 -22.44 8.51
C LYS A 91 -1.64 -22.48 7.02
N GLU A 92 -2.04 -21.35 6.45
CA GLU A 92 -2.31 -21.28 5.02
C GLU A 92 -1.03 -21.58 4.24
N PHE A 93 0.11 -21.25 4.85
CA PHE A 93 1.42 -21.51 4.23
C PHE A 93 2.06 -22.78 4.77
N SER A 94 1.25 -23.59 5.45
CA SER A 94 1.67 -24.87 6.03
C SER A 94 2.77 -24.78 7.08
N ILE A 95 2.73 -23.71 7.88
CA ILE A 95 3.60 -23.50 9.01
C ILE A 95 2.85 -23.63 10.34
N ASP A 96 3.41 -24.46 11.20
CA ASP A 96 2.73 -24.81 12.44
C ASP A 96 2.96 -23.75 13.53
N GLY A 97 2.24 -22.63 13.40
CA GLY A 97 2.39 -21.55 14.36
C GLY A 97 1.49 -21.76 15.58
N ARG A 98 2.02 -21.51 16.78
CA ARG A 98 1.30 -21.74 18.03
C ARG A 98 1.44 -20.50 18.88
N ILE A 99 0.41 -20.15 19.63
CA ILE A 99 0.43 -18.96 20.45
C ILE A 99 1.05 -19.10 21.82
N LYS A 100 1.98 -18.21 22.13
CA LYS A 100 2.62 -18.14 23.43
C LYS A 100 1.88 -16.94 24.05
N TRP A 101 1.02 -17.23 25.01
CA TRP A 101 0.21 -16.21 25.66
C TRP A 101 1.09 -15.05 26.13
N PRO A 102 0.64 -13.80 25.89
CA PRO A 102 -0.61 -13.47 25.23
C PRO A 102 -0.45 -12.90 23.82
N ASN A 103 0.78 -12.57 23.44
CA ASN A 103 1.02 -11.89 22.18
C ASN A 103 2.06 -12.46 21.22
N ASP A 104 2.62 -13.62 21.54
CA ASP A 104 3.65 -14.18 20.68
C ASP A 104 3.19 -15.39 19.90
N VAL A 105 3.81 -15.59 18.73
CA VAL A 105 3.51 -16.76 17.92
C VAL A 105 4.84 -17.47 17.72
N LEU A 106 4.87 -18.76 18.04
CA LEU A 106 6.08 -19.55 17.92
C LEU A 106 5.93 -20.70 16.95
N VAL A 107 7.07 -21.19 16.46
CA VAL A 107 7.11 -22.36 15.59
C VAL A 107 8.26 -23.13 16.22
N ASN A 108 7.92 -24.30 16.78
CA ASN A 108 8.89 -25.14 17.47
C ASN A 108 9.59 -24.33 18.56
N TYR A 109 8.78 -23.55 19.28
CA TYR A 109 9.19 -22.71 20.38
C TYR A 109 10.11 -21.55 20.03
N LYS A 110 10.25 -21.26 18.75
CA LYS A 110 11.06 -20.12 18.28
C LYS A 110 10.08 -19.03 17.86
N LYS A 111 10.39 -17.79 18.24
CA LYS A 111 9.49 -16.67 17.96
C LYS A 111 9.48 -16.20 16.51
N ILE A 112 8.34 -16.38 15.85
CA ILE A 112 8.19 -15.99 14.46
C ILE A 112 7.43 -14.66 14.31
N ALA A 113 6.67 -14.29 15.34
CA ALA A 113 5.90 -13.04 15.30
C ALA A 113 5.56 -12.53 16.68
N GLY A 114 5.30 -11.22 16.75
CA GLY A 114 4.92 -10.58 18.00
C GLY A 114 3.83 -9.58 17.72
N VAL A 115 2.91 -9.43 18.66
CA VAL A 115 1.79 -8.51 18.53
C VAL A 115 1.87 -7.47 19.64
N LEU A 116 1.56 -6.22 19.30
CA LEU A 116 1.59 -5.13 20.28
C LEU A 116 0.40 -4.22 20.07
N VAL A 117 -0.46 -4.13 21.09
CA VAL A 117 -1.63 -3.28 21.01
C VAL A 117 -1.42 -2.06 21.90
N GLU A 118 -1.70 -0.89 21.35
CA GLU A 118 -1.57 0.35 22.09
C GLU A 118 -2.87 1.10 21.88
N GLY A 119 -3.44 1.61 22.98
CA GLY A 119 -4.70 2.32 22.85
C GLY A 119 -4.81 3.59 23.68
N LYS A 120 -5.50 4.57 23.10
CA LYS A 120 -5.70 5.86 23.78
C LYS A 120 -7.12 6.34 23.54
N GLY A 121 -8.08 5.68 24.20
CA GLY A 121 -9.48 6.08 24.09
C GLY A 121 -10.19 5.45 22.87
N ASP A 122 -10.79 6.34 22.06
CA ASP A 122 -11.57 5.89 20.91
C ASP A 122 -10.69 5.28 19.79
N LYS A 123 -9.37 5.18 20.09
CA LYS A 123 -8.45 4.69 19.06
C LYS A 123 -7.49 3.60 19.58
N ILE A 124 -7.52 2.44 18.92
CA ILE A 124 -6.66 1.32 19.26
C ILE A 124 -5.79 0.97 18.07
N VAL A 125 -4.50 0.77 18.32
CA VAL A 125 -3.58 0.41 17.25
C VAL A 125 -3.09 -1.02 17.47
N LEU A 126 -3.34 -1.86 16.48
CA LEU A 126 -2.93 -3.26 16.52
C LEU A 126 -1.67 -3.42 15.67
N GLY A 127 -0.55 -3.68 16.34
CA GLY A 127 0.72 -3.84 15.64
C GLY A 127 1.15 -5.29 15.56
N ILE A 128 1.65 -5.68 14.39
CA ILE A 128 2.10 -7.05 14.16
C ILE A 128 3.43 -7.07 13.42
N GLY A 129 4.39 -7.81 13.96
CA GLY A 129 5.68 -7.98 13.32
C GLY A 129 5.82 -9.47 13.05
N LEU A 130 5.97 -9.85 11.79
CA LEU A 130 6.09 -11.26 11.40
C LEU A 130 7.32 -11.44 10.52
N ASN A 131 8.22 -12.34 10.93
CA ASN A 131 9.43 -12.60 10.17
C ASN A 131 9.09 -13.49 8.99
N VAL A 132 9.35 -12.99 7.79
CA VAL A 132 9.05 -13.75 6.58
C VAL A 132 10.35 -14.21 5.90
N ASN A 133 11.01 -13.31 5.18
CA ASN A 133 12.25 -13.66 4.47
C ASN A 133 13.50 -13.01 5.07
N ASN A 134 13.30 -12.22 6.12
CA ASN A 134 14.40 -11.50 6.78
C ASN A 134 15.25 -12.32 7.72
N LYS A 135 16.45 -11.83 8.01
CA LYS A 135 17.31 -12.49 8.96
C LYS A 135 16.66 -12.17 10.30
N VAL A 136 16.78 -13.09 11.26
CA VAL A 136 16.15 -12.88 12.55
C VAL A 136 17.14 -12.89 13.71
N PRO A 137 16.76 -12.27 14.83
CA PRO A 137 17.61 -12.19 16.03
C PRO A 137 17.56 -13.45 16.89
N ASN A 138 18.21 -13.34 18.05
CA ASN A 138 18.28 -14.44 19.01
C ASN A 138 16.90 -14.96 19.41
N GLY A 139 16.75 -16.28 19.39
CA GLY A 139 15.49 -16.91 19.78
C GLY A 139 14.34 -16.85 18.80
N ALA A 140 14.60 -16.36 17.60
CA ALA A 140 13.55 -16.23 16.59
C ALA A 140 13.68 -17.17 15.40
N THR A 141 12.66 -17.12 14.53
CA THR A 141 12.65 -17.88 13.30
C THR A 141 11.81 -17.09 12.30
N SER A 142 11.71 -17.59 11.07
CA SER A 142 10.97 -16.90 10.02
C SER A 142 10.24 -17.91 9.15
N MET A 143 9.32 -17.43 8.33
CA MET A 143 8.60 -18.31 7.43
C MET A 143 9.56 -19.01 6.47
N LYS A 144 10.52 -18.24 5.96
CA LYS A 144 11.51 -18.78 5.02
C LYS A 144 12.35 -19.88 5.67
N LEU A 145 12.77 -19.66 6.91
CA LEU A 145 13.58 -20.65 7.62
C LEU A 145 12.81 -21.93 7.92
N GLU A 146 11.52 -21.81 8.23
CA GLU A 146 10.72 -23.00 8.55
C GLU A 146 10.31 -23.78 7.30
N LEU A 147 10.07 -23.07 6.21
CA LEU A 147 9.66 -23.72 4.96
C LEU A 147 10.86 -24.14 4.10
N GLY A 148 11.99 -23.50 4.32
CA GLY A 148 13.17 -23.84 3.54
C GLY A 148 13.21 -23.09 2.22
N SER A 149 12.30 -22.15 2.05
CA SER A 149 12.25 -21.36 0.83
C SER A 149 11.55 -20.02 1.05
N GLU A 150 11.90 -19.06 0.20
CA GLU A 150 11.35 -17.70 0.26
C GLU A 150 9.86 -17.70 -0.06
N VAL A 151 9.12 -16.81 0.60
CA VAL A 151 7.69 -16.65 0.45
C VAL A 151 7.36 -15.22 0.01
N PRO A 152 6.54 -15.02 -1.04
CA PRO A 152 6.15 -13.69 -1.50
C PRO A 152 5.54 -12.87 -0.37
N LEU A 153 6.21 -11.79 -0.01
CA LEU A 153 5.76 -10.94 1.08
C LEU A 153 4.35 -10.41 0.86
N LEU A 154 4.03 -10.02 -0.37
CA LEU A 154 2.70 -9.52 -0.66
C LEU A 154 1.62 -10.58 -0.44
N SER A 155 1.95 -11.83 -0.73
CA SER A 155 0.99 -12.92 -0.52
C SER A 155 0.68 -13.08 0.96
N VAL A 156 1.70 -12.93 1.79
CA VAL A 156 1.52 -13.04 3.23
C VAL A 156 0.67 -11.85 3.70
N PHE A 157 0.93 -10.65 3.16
CA PHE A 157 0.17 -9.47 3.53
C PHE A 157 -1.31 -9.66 3.19
N ARG A 158 -1.58 -10.09 1.96
CA ARG A 158 -2.97 -10.30 1.54
C ARG A 158 -3.68 -11.31 2.43
N SER A 159 -3.01 -12.42 2.71
CA SER A 159 -3.57 -13.47 3.55
C SER A 159 -3.90 -12.93 4.96
N LEU A 160 -2.94 -12.25 5.56
CA LEU A 160 -3.13 -11.72 6.90
C LEU A 160 -4.24 -10.70 7.00
N ILE A 161 -4.29 -9.78 6.05
CA ILE A 161 -5.33 -8.74 6.06
C ILE A 161 -6.72 -9.38 5.92
N THR A 162 -6.83 -10.38 5.05
CA THR A 162 -8.11 -11.05 4.87
C THR A 162 -8.54 -11.74 6.18
N ASN A 163 -7.61 -12.42 6.83
CA ASN A 163 -7.94 -13.09 8.08
C ASN A 163 -8.30 -12.11 9.19
N LEU A 164 -7.54 -11.02 9.31
CA LEU A 164 -7.81 -10.04 10.35
C LEU A 164 -9.16 -9.36 10.13
N ASP A 165 -9.50 -9.05 8.89
CA ASP A 165 -10.78 -8.41 8.62
C ASP A 165 -11.93 -9.31 9.10
N ARG A 166 -11.85 -10.60 8.77
CA ARG A 166 -12.89 -11.54 9.18
C ARG A 166 -12.97 -11.65 10.70
N LEU A 167 -11.82 -11.82 11.35
CA LEU A 167 -11.77 -11.93 12.79
C LEU A 167 -12.33 -10.70 13.49
N TYR A 168 -11.97 -9.53 12.99
CA TYR A 168 -12.42 -8.27 13.58
C TYR A 168 -13.92 -8.07 13.43
N LEU A 169 -14.45 -8.37 12.24
CA LEU A 169 -15.87 -8.22 12.01
C LEU A 169 -16.66 -9.10 12.97
N ASN A 170 -16.20 -10.33 13.16
CA ASN A 170 -16.90 -11.22 14.08
C ASN A 170 -16.70 -10.78 15.53
N PHE A 171 -15.56 -10.18 15.83
CA PHE A 171 -15.30 -9.70 17.18
C PHE A 171 -16.29 -8.60 17.56
N LEU A 172 -16.64 -7.75 16.60
CA LEU A 172 -17.58 -6.67 16.88
C LEU A 172 -18.96 -7.21 17.26
N LYS A 173 -19.33 -8.35 16.68
CA LYS A 173 -20.62 -8.97 16.95
C LYS A 173 -20.60 -9.96 18.11
N ASN A 174 -19.53 -10.74 18.18
CA ASN A 174 -19.38 -11.75 19.21
C ASN A 174 -17.96 -11.69 19.78
N PRO A 175 -17.69 -10.71 20.65
CA PRO A 175 -16.36 -10.54 21.26
C PRO A 175 -15.81 -11.71 22.07
N MET A 176 -16.64 -12.71 22.37
CA MET A 176 -16.17 -13.86 23.14
C MET A 176 -15.61 -14.97 22.25
N ASP A 177 -16.01 -15.00 20.99
CA ASP A 177 -15.56 -16.02 20.05
C ASP A 177 -14.05 -16.17 19.90
N ILE A 178 -13.34 -15.05 19.89
CA ILE A 178 -11.90 -15.08 19.73
C ILE A 178 -11.20 -15.92 20.80
N LEU A 179 -11.78 -16.00 22.00
CA LEU A 179 -11.19 -16.78 23.07
C LEU A 179 -11.09 -18.26 22.73
N ASN A 180 -12.09 -18.80 22.04
CA ASN A 180 -12.05 -20.21 21.68
C ASN A 180 -10.99 -20.47 20.61
N LEU A 181 -10.78 -19.51 19.72
CA LEU A 181 -9.77 -19.65 18.68
C LEU A 181 -8.38 -19.61 19.31
N VAL A 182 -8.22 -18.77 20.32
CA VAL A 182 -6.93 -18.67 21.01
C VAL A 182 -6.66 -20.01 21.71
N ARG A 183 -7.65 -20.52 22.43
CA ARG A 183 -7.49 -21.78 23.15
C ARG A 183 -7.05 -22.90 22.24
N ASP A 184 -7.68 -23.01 21.07
CA ASP A 184 -7.37 -24.07 20.12
C ASP A 184 -6.03 -23.89 19.42
N ASN A 185 -5.41 -22.72 19.56
CA ASN A 185 -4.14 -22.46 18.90
C ASN A 185 -3.03 -22.04 19.83
N MET A 186 -3.22 -22.22 21.14
CA MET A 186 -2.20 -21.81 22.07
C MET A 186 -1.48 -22.97 22.73
N ILE A 187 -0.26 -22.70 23.19
CA ILE A 187 0.57 -23.69 23.86
C ILE A 187 0.09 -23.85 25.29
N LEU A 188 -0.44 -25.02 25.61
CA LEU A 188 -0.94 -25.33 26.94
C LEU A 188 -0.45 -26.69 27.41
N GLY A 189 -0.71 -26.99 28.67
CA GLY A 189 -0.31 -28.28 29.23
C GLY A 189 1.17 -28.45 29.50
N VAL A 190 1.91 -27.35 29.49
CA VAL A 190 3.35 -27.41 29.75
C VAL A 190 3.70 -26.45 30.88
N ARG A 191 4.86 -26.66 31.49
CA ARG A 191 5.28 -25.81 32.60
C ARG A 191 5.78 -24.47 32.07
N VAL A 192 5.40 -23.41 32.76
CA VAL A 192 5.81 -22.07 32.36
C VAL A 192 6.20 -21.27 33.58
N LYS A 193 6.95 -20.19 33.34
CA LYS A 193 7.35 -19.32 34.42
C LYS A 193 6.77 -17.95 34.12
N ILE A 194 5.98 -17.43 35.05
CA ILE A 194 5.38 -16.12 34.89
C ILE A 194 6.36 -15.08 35.40
N SER A 199 8.06 -13.70 40.39
CA SER A 199 7.92 -14.86 39.52
C SER A 199 7.29 -16.04 40.27
N PHE A 200 6.73 -16.94 39.47
CA PHE A 200 6.27 -18.23 39.95
C PHE A 200 6.12 -19.18 38.77
N GLU A 201 6.12 -20.48 39.04
CA GLU A 201 6.00 -21.47 37.98
C GLU A 201 4.83 -22.40 38.20
N GLY A 202 4.37 -23.01 37.11
CA GLY A 202 3.26 -23.93 37.18
C GLY A 202 2.86 -24.36 35.78
N ILE A 203 1.82 -25.18 35.68
CA ILE A 203 1.35 -25.64 34.38
C ILE A 203 0.35 -24.67 33.80
N ALA A 204 0.57 -24.26 32.55
CA ALA A 204 -0.35 -23.35 31.88
C ALA A 204 -1.51 -24.25 31.47
N GLU A 205 -2.61 -24.15 32.22
CA GLU A 205 -3.78 -24.99 31.99
C GLU A 205 -4.74 -24.54 30.89
N ASP A 206 -5.03 -23.25 30.84
CA ASP A 206 -6.00 -22.75 29.86
C ASP A 206 -6.10 -21.24 30.03
N ILE A 207 -7.02 -20.63 29.30
CA ILE A 207 -7.29 -19.20 29.43
C ILE A 207 -8.75 -19.16 29.83
N ASP A 208 -9.13 -18.24 30.71
CA ASP A 208 -10.53 -18.18 31.12
C ASP A 208 -11.37 -17.27 30.25
N ASP A 209 -12.59 -16.98 30.71
CA ASP A 209 -13.55 -16.17 29.95
C ASP A 209 -13.15 -14.69 29.81
N PHE A 210 -12.05 -14.31 30.51
CA PHE A 210 -11.53 -12.95 30.39
C PHE A 210 -10.21 -12.90 29.63
N GLY A 211 -9.74 -14.10 29.23
CA GLY A 211 -8.47 -14.18 28.51
C GLY A 211 -7.28 -14.30 29.46
N ARG A 212 -7.55 -14.47 30.75
CA ARG A 212 -6.48 -14.60 31.74
C ARG A 212 -5.88 -15.99 31.63
N LEU A 213 -4.55 -16.08 31.76
CA LEU A 213 -3.91 -17.39 31.69
C LEU A 213 -4.07 -18.05 33.05
N ILE A 214 -4.55 -19.29 33.04
CA ILE A 214 -4.76 -20.04 34.27
C ILE A 214 -3.56 -20.95 34.51
N ILE A 215 -2.90 -20.76 35.65
CA ILE A 215 -1.73 -21.56 35.99
C ILE A 215 -1.94 -22.35 37.28
N ARG A 216 -1.62 -23.63 37.21
CA ARG A 216 -1.73 -24.50 38.38
C ARG A 216 -0.33 -24.69 38.94
N LEU A 217 -0.10 -24.19 40.14
CA LEU A 217 1.20 -24.34 40.79
C LEU A 217 1.27 -25.75 41.38
N ASP A 218 2.48 -26.21 41.65
CA ASP A 218 2.68 -27.56 42.19
C ASP A 218 1.84 -27.83 43.46
N SER A 219 1.68 -26.78 44.28
CA SER A 219 0.92 -26.94 45.53
C SER A 219 -0.57 -27.17 45.26
N GLY A 220 -0.96 -26.90 43.99
CA GLY A 220 -2.36 -27.00 43.64
C GLY A 220 -3.02 -25.63 43.53
N GLU A 221 -2.31 -24.61 44.08
CA GLU A 221 -2.83 -23.25 43.98
C GLU A 221 -3.04 -22.85 42.52
N VAL A 222 -4.16 -22.18 42.29
CA VAL A 222 -4.48 -21.71 40.95
C VAL A 222 -4.37 -20.19 40.90
N LYS A 223 -3.60 -19.68 39.94
CA LYS A 223 -3.43 -18.25 39.77
C LYS A 223 -3.94 -17.85 38.40
N LYS A 224 -4.50 -16.65 38.32
CA LYS A 224 -5.03 -16.13 37.07
C LYS A 224 -4.18 -14.93 36.69
N VAL A 225 -3.50 -15.02 35.56
CA VAL A 225 -2.61 -13.95 35.13
C VAL A 225 -3.23 -12.97 34.14
N ILE A 226 -3.14 -11.69 34.48
CA ILE A 226 -3.59 -10.60 33.63
C ILE A 226 -2.38 -10.08 32.91
N TYR A 227 -2.51 -9.95 31.58
CA TYR A 227 -1.35 -9.44 30.87
C TYR A 227 -1.30 -7.92 30.97
N GLY A 228 -0.05 -7.45 31.14
CA GLY A 228 0.18 -6.05 31.53
C GLY A 228 1.52 -5.96 32.25
N ASP A 229 2.58 -5.95 31.42
CA ASP A 229 3.92 -6.08 31.97
C ASP A 229 4.11 -7.43 32.66
N VAL A 230 3.61 -8.48 31.99
CA VAL A 230 3.88 -9.84 32.46
C VAL A 230 4.16 -10.77 31.28
N SER A 231 5.46 -11.08 31.10
CA SER A 231 5.80 -12.12 30.13
C SER A 231 5.96 -13.47 30.79
N LEU A 232 5.71 -14.51 30.00
CA LEU A 232 6.03 -15.85 30.47
C LEU A 232 7.18 -16.49 29.70
N ARG A 233 7.84 -17.43 30.38
CA ARG A 233 8.94 -18.16 29.78
C ARG A 233 8.69 -19.66 29.93
N PHE A 234 8.92 -20.40 28.86
CA PHE A 234 8.73 -21.85 28.89
C PHE A 234 9.95 -22.52 29.49
N LEU A 235 9.73 -23.60 30.23
CA LEU A 235 10.82 -24.33 30.85
C LEU A 235 11.28 -25.50 29.99
N MET B 1 5.91 -3.56 2.55
CA MET B 1 5.89 -4.94 1.99
C MET B 1 5.95 -4.95 0.46
N LEU B 2 5.86 -3.77 -0.15
CA LEU B 2 5.93 -3.67 -1.61
C LEU B 2 7.37 -3.70 -2.12
N GLY B 3 8.32 -3.34 -1.27
CA GLY B 3 9.72 -3.36 -1.65
C GLY B 3 10.08 -2.48 -2.84
N LEU B 4 9.49 -1.29 -2.92
CA LEU B 4 9.81 -0.39 -4.03
C LEU B 4 11.24 0.12 -3.85
N LYS B 5 11.98 0.25 -4.95
CA LYS B 5 13.36 0.70 -4.86
C LYS B 5 13.61 2.03 -5.54
N THR B 6 12.54 2.79 -5.76
CA THR B 6 12.62 4.11 -6.37
C THR B 6 13.22 5.10 -5.38
N SER B 7 13.74 6.21 -5.90
CA SER B 7 14.36 7.23 -5.06
C SER B 7 13.38 8.23 -4.43
N ILE B 8 12.48 8.77 -5.24
CA ILE B 8 11.51 9.75 -4.76
C ILE B 8 10.07 9.31 -4.93
N ILE B 9 9.68 9.05 -6.18
CA ILE B 9 8.31 8.64 -6.47
C ILE B 9 8.09 7.22 -5.98
N GLY B 10 7.22 7.09 -4.97
CA GLY B 10 6.92 5.78 -4.42
C GLY B 10 7.56 5.57 -3.04
N ARG B 11 8.23 6.61 -2.52
CA ARG B 11 8.78 6.48 -1.15
C ARG B 11 7.67 6.11 -0.18
N ARG B 12 6.49 6.67 -0.48
CA ARG B 12 5.29 6.34 0.26
C ARG B 12 4.12 6.18 -0.71
N VAL B 13 3.22 5.26 -0.43
CA VAL B 13 2.07 5.01 -1.28
C VAL B 13 0.82 4.87 -0.42
N ILE B 14 -0.23 5.64 -0.76
CA ILE B 14 -1.48 5.53 -0.03
C ILE B 14 -2.49 4.91 -0.99
N TYR B 15 -2.92 3.70 -0.66
CA TYR B 15 -3.88 2.96 -1.45
C TYR B 15 -5.29 3.03 -0.84
N PHE B 16 -6.27 3.16 -1.72
CA PHE B 16 -7.68 3.23 -1.33
C PHE B 16 -8.48 2.22 -2.13
N GLN B 17 -9.40 1.51 -1.47
CA GLN B 17 -10.25 0.60 -2.20
C GLN B 17 -11.16 1.48 -3.07
N GLU B 18 -11.56 2.63 -2.53
CA GLU B 18 -12.44 3.56 -3.23
C GLU B 18 -12.16 4.99 -2.78
N ILE B 19 -12.25 5.92 -3.71
CA ILE B 19 -11.99 7.33 -3.42
C ILE B 19 -12.78 8.18 -4.40
N THR B 20 -12.97 9.46 -4.07
CA THR B 20 -13.67 10.36 -4.98
C THR B 20 -12.72 10.60 -6.16
N SER B 21 -11.54 11.11 -5.86
CA SER B 21 -10.52 11.39 -6.87
C SER B 21 -9.14 11.44 -6.22
N THR B 22 -8.18 10.72 -6.78
CA THR B 22 -6.83 10.72 -6.21
C THR B 22 -6.20 12.12 -6.36
N ASN B 23 -6.55 12.84 -7.42
CA ASN B 23 -5.99 14.17 -7.62
C ASN B 23 -6.54 15.12 -6.55
N GLU B 24 -7.84 15.02 -6.28
CA GLU B 24 -8.44 15.87 -5.26
C GLU B 24 -7.85 15.59 -3.89
N PHE B 25 -7.67 14.31 -3.56
CA PHE B 25 -7.10 13.95 -2.27
C PHE B 25 -5.66 14.47 -2.14
N ALA B 26 -4.89 14.32 -3.21
CA ALA B 26 -3.50 14.76 -3.23
C ALA B 26 -3.37 16.27 -3.07
N LYS B 27 -4.33 17.01 -3.64
CA LYS B 27 -4.31 18.47 -3.57
C LYS B 27 -4.69 19.03 -2.20
N THR B 28 -5.63 18.38 -1.53
CA THR B 28 -6.12 18.85 -0.23
C THR B 28 -5.48 18.22 1.00
N SER B 29 -4.55 17.30 0.79
CA SER B 29 -3.89 16.64 1.93
C SER B 29 -2.40 16.96 1.97
N TYR B 30 -1.84 17.13 3.16
CA TYR B 30 -0.42 17.39 3.26
C TYR B 30 0.30 16.07 3.04
N LEU B 31 1.12 16.01 2.01
CA LEU B 31 1.85 14.80 1.67
C LEU B 31 3.27 15.14 1.23
N GLU B 32 4.24 14.32 1.61
CA GLU B 32 5.61 14.59 1.21
C GLU B 32 5.83 14.30 -0.26
N GLU B 33 6.85 14.93 -0.83
CA GLU B 33 7.19 14.75 -2.23
C GLU B 33 7.40 13.27 -2.52
N GLY B 34 6.85 12.81 -3.65
CA GLY B 34 7.01 11.43 -4.03
C GLY B 34 5.88 10.51 -3.60
N THR B 35 4.98 11.01 -2.75
CA THR B 35 3.87 10.19 -2.31
C THR B 35 2.94 9.90 -3.47
N VAL B 36 2.57 8.63 -3.60
CA VAL B 36 1.66 8.19 -4.65
C VAL B 36 0.31 7.86 -4.02
N ILE B 37 -0.75 8.41 -4.59
CA ILE B 37 -2.12 8.15 -4.12
C ILE B 37 -2.73 7.27 -5.20
N VAL B 38 -3.18 6.08 -4.85
CA VAL B 38 -3.75 5.17 -5.84
C VAL B 38 -5.02 4.50 -5.32
N ALA B 39 -5.99 4.27 -6.21
CA ALA B 39 -7.26 3.69 -5.80
C ALA B 39 -7.79 2.66 -6.80
N ASP B 40 -8.48 1.65 -6.30
CA ASP B 40 -9.05 0.63 -7.17
C ASP B 40 -10.12 1.26 -8.06
N LYS B 41 -10.85 2.20 -7.50
CA LYS B 41 -11.93 2.87 -8.23
C LYS B 41 -12.10 4.29 -7.73
N GLN B 42 -12.53 5.18 -8.64
CA GLN B 42 -12.79 6.57 -8.29
C GLN B 42 -14.25 6.82 -8.62
N THR B 43 -14.96 7.48 -7.71
CA THR B 43 -16.37 7.77 -7.92
C THR B 43 -16.55 9.12 -8.62
N MET B 44 -15.54 9.97 -8.52
CA MET B 44 -15.59 11.30 -9.12
C MET B 44 -14.27 11.64 -9.81
N GLY B 45 -13.77 10.69 -10.60
CA GLY B 45 -12.53 10.91 -11.31
C GLY B 45 -12.77 11.99 -12.35
N HIS B 46 -11.76 12.77 -12.65
CA HIS B 46 -11.97 13.80 -13.64
C HIS B 46 -10.82 14.04 -14.58
N GLY B 47 -11.17 14.60 -15.74
CA GLY B 47 -10.19 14.93 -16.74
C GLY B 47 -10.07 16.44 -16.56
N ALA B 48 -9.80 17.10 -17.70
CA ALA B 48 -9.61 18.53 -17.65
C ALA B 48 -10.96 19.21 -17.81
N LEU B 49 -10.94 20.53 -17.59
CA LEU B 49 -12.18 21.28 -17.62
C LEU B 49 -13.16 20.58 -16.69
N ASN B 50 -14.43 20.50 -17.12
CA ASN B 50 -15.29 19.72 -16.21
C ASN B 50 -15.58 18.29 -16.73
N ARG B 51 -14.67 17.57 -17.37
CA ARG B 51 -14.95 16.23 -17.84
C ARG B 51 -14.75 15.13 -16.80
N LYS B 52 -15.56 14.09 -16.91
CA LYS B 52 -15.48 12.96 -16.00
C LYS B 52 -14.55 11.90 -16.57
N TRP B 53 -13.78 11.26 -15.70
CA TRP B 53 -12.88 10.20 -16.12
C TRP B 53 -13.43 8.91 -15.53
N GLU B 54 -13.89 8.02 -16.40
CA GLU B 54 -14.44 6.74 -15.95
C GLU B 54 -13.34 5.95 -15.27
N SER B 55 -13.56 5.64 -14.00
CA SER B 55 -12.55 4.93 -13.20
C SER B 55 -13.02 3.66 -12.49
N PRO B 56 -13.50 2.68 -13.25
CA PRO B 56 -13.98 1.44 -12.65
C PRO B 56 -12.83 0.52 -12.21
N GLU B 57 -13.17 -0.51 -11.45
CA GLU B 57 -12.16 -1.45 -10.99
C GLU B 57 -11.48 -2.11 -12.19
N GLY B 58 -10.17 -2.33 -12.06
CA GLY B 58 -9.42 -2.94 -13.14
C GLY B 58 -8.39 -2.03 -13.77
N GLY B 59 -8.55 -0.72 -13.59
CA GLY B 59 -7.60 0.23 -14.16
C GLY B 59 -6.62 0.77 -13.14
N LEU B 60 -5.67 1.57 -13.62
CA LEU B 60 -4.66 2.18 -12.76
C LEU B 60 -4.97 3.67 -12.65
N TRP B 61 -5.45 4.07 -11.49
CA TRP B 61 -5.83 5.46 -11.22
C TRP B 61 -4.93 5.98 -10.09
N LEU B 62 -4.02 6.87 -10.42
CA LEU B 62 -3.12 7.39 -9.40
C LEU B 62 -2.69 8.84 -9.58
N SER B 63 -2.17 9.41 -8.50
CA SER B 63 -1.67 10.77 -8.49
C SER B 63 -0.34 10.77 -7.74
N ILE B 64 0.57 11.63 -8.16
CA ILE B 64 1.88 11.73 -7.54
C ILE B 64 2.14 13.16 -7.09
N VAL B 65 2.60 13.31 -5.86
CA VAL B 65 2.91 14.62 -5.31
C VAL B 65 4.34 14.99 -5.65
N LEU B 66 4.52 16.12 -6.30
CA LEU B 66 5.83 16.64 -6.70
C LEU B 66 6.06 18.06 -6.17
N SER B 67 7.35 18.40 -5.97
CA SER B 67 7.70 19.76 -5.57
C SER B 67 9.05 20.17 -6.20
N PRO B 68 9.00 20.26 -7.55
CA PRO B 68 10.20 20.29 -8.40
C PRO B 68 10.97 21.61 -8.25
N LYS B 69 12.26 21.46 -7.89
CA LYS B 69 13.15 22.62 -7.73
C LYS B 69 13.67 23.11 -9.09
N VAL B 70 12.71 23.48 -9.97
CA VAL B 70 13.09 23.98 -11.29
C VAL B 70 12.44 25.33 -11.60
N PRO B 71 12.95 26.02 -12.63
CA PRO B 71 12.39 27.31 -13.04
C PRO B 71 10.91 27.21 -13.37
N GLN B 72 10.19 28.31 -13.14
CA GLN B 72 8.76 28.39 -13.40
C GLN B 72 8.39 27.99 -14.82
N LYS B 73 9.22 28.38 -15.79
CA LYS B 73 8.98 28.08 -17.20
C LYS B 73 8.97 26.60 -17.56
N ASP B 74 9.47 25.75 -16.65
CA ASP B 74 9.53 24.32 -16.92
C ASP B 74 8.34 23.50 -16.42
N LEU B 75 7.52 24.11 -15.56
CA LEU B 75 6.35 23.41 -15.00
C LEU B 75 5.38 22.81 -16.01
N PRO B 76 5.16 23.47 -17.16
CA PRO B 76 4.23 22.92 -18.15
C PRO B 76 4.66 21.58 -18.73
N LYS B 77 5.88 21.15 -18.43
CA LYS B 77 6.40 19.88 -18.95
C LYS B 77 6.10 18.66 -18.09
N ILE B 78 5.60 18.88 -16.87
CA ILE B 78 5.29 17.79 -15.97
C ILE B 78 4.29 16.81 -16.60
N VAL B 79 3.30 17.33 -17.32
CA VAL B 79 2.32 16.47 -17.96
C VAL B 79 3.02 15.49 -18.91
N PHE B 80 4.10 15.95 -19.55
CA PHE B 80 4.85 15.10 -20.47
C PHE B 80 5.53 13.94 -19.76
N LEU B 81 5.98 14.18 -18.54
CA LEU B 81 6.62 13.11 -17.77
C LEU B 81 5.62 11.98 -17.60
N GLY B 82 4.37 12.33 -17.29
CA GLY B 82 3.37 11.32 -17.12
C GLY B 82 3.08 10.57 -18.42
N ALA B 83 2.93 11.32 -19.50
CA ALA B 83 2.64 10.70 -20.80
C ALA B 83 3.75 9.78 -21.26
N VAL B 84 4.99 10.24 -21.15
CA VAL B 84 6.13 9.43 -21.56
C VAL B 84 6.27 8.21 -20.65
N GLY B 85 6.01 8.38 -19.37
CA GLY B 85 6.10 7.26 -18.45
C GLY B 85 5.14 6.16 -18.87
N VAL B 86 3.93 6.55 -19.27
CA VAL B 86 2.94 5.58 -19.71
C VAL B 86 3.41 4.90 -21.00
N VAL B 87 3.94 5.68 -21.94
CA VAL B 87 4.42 5.11 -23.19
C VAL B 87 5.51 4.06 -22.92
N GLU B 88 6.44 4.38 -22.03
CA GLU B 88 7.52 3.46 -21.70
C GLU B 88 7.00 2.17 -21.07
N THR B 89 6.03 2.31 -20.17
CA THR B 89 5.46 1.13 -19.53
C THR B 89 4.74 0.27 -20.55
N LEU B 90 3.95 0.90 -21.41
CA LEU B 90 3.23 0.15 -22.45
C LEU B 90 4.20 -0.64 -23.31
N LYS B 91 5.33 -0.03 -23.66
CA LYS B 91 6.32 -0.70 -24.50
C LYS B 91 6.85 -1.96 -23.83
N GLU B 92 7.03 -1.91 -22.52
CA GLU B 92 7.52 -3.07 -21.78
C GLU B 92 6.56 -4.25 -21.94
N PHE B 93 5.28 -3.93 -22.09
CA PHE B 93 4.26 -4.96 -22.27
C PHE B 93 3.95 -5.17 -23.75
N SER B 94 4.85 -4.72 -24.62
CA SER B 94 4.73 -4.85 -26.06
C SER B 94 3.53 -4.15 -26.69
N ILE B 95 3.18 -2.99 -26.16
CA ILE B 95 2.09 -2.18 -26.69
C ILE B 95 2.71 -0.86 -27.13
N ASP B 96 2.38 -0.44 -28.34
CA ASP B 96 2.91 0.80 -28.89
C ASP B 96 1.95 1.97 -28.70
N GLY B 97 2.23 2.79 -27.69
CA GLY B 97 1.39 3.94 -27.44
C GLY B 97 2.01 5.20 -28.02
N ARG B 98 1.15 6.10 -28.48
CA ARG B 98 1.62 7.36 -29.06
C ARG B 98 0.90 8.51 -28.36
N ILE B 99 1.63 9.58 -28.12
CA ILE B 99 1.09 10.73 -27.43
C ILE B 99 0.30 11.69 -28.32
N LYS B 100 -0.90 12.02 -27.88
CA LYS B 100 -1.75 12.99 -28.56
C LYS B 100 -1.64 14.20 -27.66
N TRP B 101 -0.99 15.25 -28.16
CA TRP B 101 -0.77 16.47 -27.39
C TRP B 101 -2.06 16.97 -26.76
N PRO B 102 -2.00 17.37 -25.48
CA PRO B 102 -0.77 17.36 -24.68
C PRO B 102 -0.73 16.31 -23.58
N ASN B 103 -1.84 15.63 -23.36
CA ASN B 103 -1.94 14.70 -22.23
C ASN B 103 -2.53 13.32 -22.49
N ASP B 104 -2.73 12.94 -23.74
CA ASP B 104 -3.32 11.64 -24.02
C ASP B 104 -2.36 10.65 -24.63
N VAL B 105 -2.62 9.36 -24.39
CA VAL B 105 -1.82 8.31 -24.97
C VAL B 105 -2.79 7.41 -25.72
N LEU B 106 -2.54 7.24 -27.02
CA LEU B 106 -3.39 6.44 -27.89
C LEU B 106 -2.66 5.21 -28.41
N VAL B 107 -3.43 4.16 -28.67
CA VAL B 107 -2.91 2.93 -29.25
C VAL B 107 -3.81 2.72 -30.46
N ASN B 108 -3.23 2.82 -31.65
CA ASN B 108 -3.99 2.67 -32.88
C ASN B 108 -5.15 3.68 -32.86
N TYR B 109 -4.83 4.88 -32.40
CA TYR B 109 -5.77 6.00 -32.29
C TYR B 109 -6.86 5.87 -31.22
N LYS B 110 -6.81 4.83 -30.40
CA LYS B 110 -7.79 4.65 -29.33
C LYS B 110 -7.14 5.08 -28.02
N LYS B 111 -7.82 5.90 -27.24
CA LYS B 111 -7.29 6.39 -25.99
C LYS B 111 -7.17 5.32 -24.90
N ILE B 112 -5.94 5.12 -24.43
CA ILE B 112 -5.66 4.12 -23.40
C ILE B 112 -5.30 4.76 -22.06
N ALA B 113 -4.93 6.04 -22.08
CA ALA B 113 -4.56 6.75 -20.86
C ALA B 113 -4.66 8.25 -21.01
N GLY B 114 -4.79 8.93 -19.88
CA GLY B 114 -4.88 10.38 -19.85
C GLY B 114 -4.11 10.90 -18.64
N VAL B 115 -3.55 12.10 -18.77
CA VAL B 115 -2.77 12.72 -17.71
C VAL B 115 -3.36 14.07 -17.34
N LEU B 116 -3.40 14.37 -16.05
CA LEU B 116 -3.94 15.64 -15.56
C LEU B 116 -3.05 16.20 -14.46
N VAL B 117 -2.43 17.34 -14.74
CA VAL B 117 -1.56 17.99 -13.77
C VAL B 117 -2.25 19.20 -13.15
N GLU B 118 -2.19 19.28 -11.83
CA GLU B 118 -2.81 20.39 -11.11
C GLU B 118 -1.85 20.95 -10.07
N GLY B 119 -1.75 22.28 -10.02
CA GLY B 119 -0.87 22.92 -9.07
C GLY B 119 -1.61 23.49 -7.87
N LYS B 120 -1.08 23.24 -6.68
CA LYS B 120 -1.67 23.73 -5.44
C LYS B 120 -0.52 24.29 -4.62
N GLY B 121 -0.39 25.62 -4.60
CA GLY B 121 0.70 26.23 -3.87
C GLY B 121 1.99 25.82 -4.55
N ASP B 122 2.98 25.39 -3.78
CA ASP B 122 4.24 24.96 -4.35
C ASP B 122 4.26 23.44 -4.55
N LYS B 123 3.08 22.85 -4.51
CA LYS B 123 2.94 21.40 -4.70
C LYS B 123 2.27 21.12 -6.05
N ILE B 124 2.84 20.20 -6.81
CA ILE B 124 2.29 19.83 -8.11
C ILE B 124 1.76 18.42 -8.03
N VAL B 125 0.55 18.21 -8.52
CA VAL B 125 -0.07 16.89 -8.52
C VAL B 125 -0.12 16.35 -9.94
N LEU B 126 0.55 15.22 -10.16
CA LEU B 126 0.57 14.57 -11.47
C LEU B 126 -0.38 13.39 -11.43
N GLY B 127 -1.51 13.52 -12.11
CA GLY B 127 -2.51 12.47 -12.15
C GLY B 127 -2.46 11.68 -13.43
N ILE B 128 -2.56 10.36 -13.31
CA ILE B 128 -2.51 9.49 -14.46
C ILE B 128 -3.57 8.41 -14.37
N GLY B 129 -4.33 8.25 -15.45
CA GLY B 129 -5.34 7.22 -15.52
C GLY B 129 -4.99 6.33 -16.70
N LEU B 130 -4.81 5.04 -16.44
CA LEU B 130 -4.44 4.09 -17.48
C LEU B 130 -5.38 2.88 -17.46
N ASN B 131 -6.02 2.61 -18.59
CA ASN B 131 -6.92 1.47 -18.67
C ASN B 131 -6.13 0.18 -18.79
N VAL B 132 -6.34 -0.72 -17.82
CA VAL B 132 -5.64 -1.99 -17.83
C VAL B 132 -6.62 -3.14 -18.08
N ASN B 133 -7.38 -3.54 -17.06
CA ASN B 133 -8.34 -4.63 -17.21
C ASN B 133 -9.80 -4.18 -17.10
N ASN B 134 -10.00 -2.89 -16.93
CA ASN B 134 -11.33 -2.33 -16.77
C ASN B 134 -12.09 -2.12 -18.08
N LYS B 135 -13.41 -1.98 -17.95
CA LYS B 135 -14.25 -1.70 -19.09
C LYS B 135 -13.92 -0.26 -19.44
N VAL B 136 -13.95 0.07 -20.73
CA VAL B 136 -13.64 1.42 -21.19
C VAL B 136 -14.77 1.97 -22.04
N PRO B 137 -14.85 3.30 -22.17
CA PRO B 137 -15.91 3.88 -23.00
C PRO B 137 -15.70 3.54 -24.47
N ASN B 138 -16.78 3.63 -25.26
CA ASN B 138 -16.69 3.33 -26.68
C ASN B 138 -15.61 4.16 -27.36
N GLY B 139 -14.79 3.51 -28.18
CA GLY B 139 -13.73 4.21 -28.88
C GLY B 139 -12.39 4.13 -28.17
N ALA B 140 -12.41 3.86 -26.87
CA ALA B 140 -11.18 3.76 -26.10
C ALA B 140 -10.65 2.33 -26.10
N THR B 141 -9.52 2.12 -25.46
CA THR B 141 -8.94 0.79 -25.38
C THR B 141 -8.26 0.57 -24.03
N SER B 142 -7.76 -0.65 -23.82
CA SER B 142 -7.10 -0.99 -22.57
C SER B 142 -5.98 -1.98 -22.85
N MET B 143 -5.11 -2.18 -21.87
CA MET B 143 -4.02 -3.12 -22.03
C MET B 143 -4.58 -4.53 -22.28
N LYS B 144 -5.64 -4.87 -21.55
CA LYS B 144 -6.29 -6.17 -21.69
C LYS B 144 -6.85 -6.37 -23.10
N LEU B 145 -7.46 -5.33 -23.65
CA LEU B 145 -8.02 -5.40 -25.00
C LEU B 145 -6.93 -5.52 -26.06
N GLU B 146 -5.78 -4.91 -25.80
CA GLU B 146 -4.68 -4.96 -26.75
C GLU B 146 -3.90 -6.28 -26.70
N LEU B 147 -3.78 -6.84 -25.51
CA LEU B 147 -3.02 -8.08 -25.33
C LEU B 147 -3.87 -9.35 -25.38
N GLY B 148 -5.17 -9.21 -25.13
CA GLY B 148 -6.05 -10.36 -25.17
C GLY B 148 -6.08 -11.21 -23.92
N SER B 149 -5.49 -10.71 -22.84
CA SER B 149 -5.44 -11.45 -21.58
C SER B 149 -5.35 -10.49 -20.40
N GLU B 150 -5.81 -10.95 -19.24
CA GLU B 150 -5.78 -10.14 -18.02
C GLU B 150 -4.35 -9.78 -17.67
N VAL B 151 -4.09 -8.49 -17.43
CA VAL B 151 -2.75 -8.02 -17.08
C VAL B 151 -2.63 -7.75 -15.58
N PRO B 152 -1.58 -8.28 -14.93
CA PRO B 152 -1.41 -8.06 -13.48
C PRO B 152 -1.28 -6.56 -13.18
N LEU B 153 -2.31 -6.00 -12.56
CA LEU B 153 -2.34 -4.58 -12.25
C LEU B 153 -1.16 -4.09 -11.45
N LEU B 154 -0.74 -4.83 -10.43
CA LEU B 154 0.39 -4.40 -9.63
C LEU B 154 1.67 -4.33 -10.46
N SER B 155 1.82 -5.23 -11.44
CA SER B 155 3.01 -5.21 -12.28
C SER B 155 3.07 -3.93 -13.09
N VAL B 156 1.91 -3.46 -13.53
CA VAL B 156 1.84 -2.22 -14.31
C VAL B 156 2.20 -1.05 -13.40
N PHE B 157 1.70 -1.09 -12.17
CA PHE B 157 2.00 -0.04 -11.19
C PHE B 157 3.51 0.05 -10.95
N ARG B 158 4.13 -1.10 -10.67
CA ARG B 158 5.57 -1.14 -10.42
C ARG B 158 6.36 -0.58 -11.60
N SER B 159 5.99 -1.00 -12.80
CA SER B 159 6.65 -0.54 -14.01
C SER B 159 6.53 0.97 -14.20
N LEU B 160 5.32 1.48 -14.07
CA LEU B 160 5.08 2.91 -14.26
C LEU B 160 5.80 3.75 -13.22
N ILE B 161 5.71 3.36 -11.96
CA ILE B 161 6.37 4.10 -10.90
C ILE B 161 7.89 4.13 -11.12
N THR B 162 8.46 3.01 -11.58
CA THR B 162 9.88 2.95 -11.83
C THR B 162 10.25 3.92 -12.96
N ASN B 163 9.48 3.91 -14.03
CA ASN B 163 9.76 4.81 -15.14
C ASN B 163 9.61 6.28 -14.74
N LEU B 164 8.54 6.60 -14.01
CA LEU B 164 8.32 7.97 -13.59
C LEU B 164 9.41 8.50 -12.66
N ASP B 165 9.88 7.67 -11.73
CA ASP B 165 10.93 8.09 -10.82
C ASP B 165 12.18 8.48 -11.61
N ARG B 166 12.54 7.66 -12.59
CA ARG B 166 13.71 7.93 -13.42
C ARG B 166 13.53 9.21 -14.23
N LEU B 167 12.37 9.33 -14.89
CA LEU B 167 12.08 10.52 -15.70
C LEU B 167 12.11 11.79 -14.85
N TYR B 168 11.54 11.70 -13.65
CA TYR B 168 11.49 12.85 -12.76
C TYR B 168 12.86 13.27 -12.27
N LEU B 169 13.66 12.31 -11.80
CA LEU B 169 15.00 12.64 -11.33
C LEU B 169 15.81 13.29 -12.43
N ASN B 170 15.67 12.82 -13.66
CA ASN B 170 16.42 13.42 -14.75
C ASN B 170 15.88 14.82 -15.08
N PHE B 171 14.56 14.97 -14.97
CA PHE B 171 13.92 16.25 -15.24
C PHE B 171 14.45 17.34 -14.31
N LEU B 172 14.66 16.98 -13.05
CA LEU B 172 15.16 17.96 -12.08
C LEU B 172 16.54 18.48 -12.44
N LYS B 173 17.32 17.67 -13.15
CA LYS B 173 18.68 18.06 -13.56
C LYS B 173 18.75 18.62 -14.97
N ASN B 174 18.04 17.96 -15.89
CA ASN B 174 18.04 18.31 -17.30
C ASN B 174 16.59 18.41 -17.76
N PRO B 175 15.90 19.50 -17.37
CA PRO B 175 14.50 19.73 -17.74
C PRO B 175 14.11 19.79 -19.21
N MET B 176 15.09 19.87 -20.10
CA MET B 176 14.79 19.94 -21.52
C MET B 176 14.76 18.57 -22.20
N ASP B 177 15.34 17.57 -21.54
CA ASP B 177 15.40 16.23 -22.11
C ASP B 177 14.03 15.63 -22.45
N ILE B 178 13.05 15.87 -21.58
CA ILE B 178 11.71 15.30 -21.79
C ILE B 178 11.11 15.71 -23.13
N LEU B 179 11.47 16.89 -23.64
CA LEU B 179 10.92 17.36 -24.91
C LEU B 179 11.23 16.45 -26.09
N ASN B 180 12.46 15.96 -26.18
CA ASN B 180 12.82 15.08 -27.30
C ASN B 180 12.10 13.74 -27.17
N LEU B 181 11.93 13.26 -25.94
CA LEU B 181 11.25 11.99 -25.72
C LEU B 181 9.80 12.12 -26.17
N VAL B 182 9.20 13.28 -25.91
CA VAL B 182 7.82 13.52 -26.33
C VAL B 182 7.75 13.55 -27.85
N ARG B 183 8.63 14.33 -28.47
CA ARG B 183 8.66 14.44 -29.93
C ARG B 183 8.76 13.10 -30.63
N ASP B 184 9.65 12.24 -30.13
CA ASP B 184 9.83 10.93 -30.73
C ASP B 184 8.71 9.95 -30.44
N ASN B 185 7.77 10.34 -29.59
CA ASN B 185 6.65 9.46 -29.24
C ASN B 185 5.29 10.14 -29.38
N MET B 186 5.25 11.26 -30.10
CA MET B 186 4.00 11.98 -30.29
C MET B 186 3.52 11.92 -31.73
N ILE B 187 2.20 12.08 -31.91
CA ILE B 187 1.58 12.05 -33.23
C ILE B 187 1.74 13.41 -33.89
N LEU B 188 2.56 13.45 -34.95
CA LEU B 188 2.81 14.69 -35.68
C LEU B 188 2.75 14.46 -37.19
N GLY B 189 2.87 15.54 -37.95
CA GLY B 189 2.84 15.44 -39.40
C GLY B 189 1.47 15.14 -39.96
N VAL B 190 0.43 15.34 -39.14
CA VAL B 190 -0.93 15.10 -39.58
C VAL B 190 -1.81 16.31 -39.29
N ARG B 191 -2.95 16.38 -39.96
CA ARG B 191 -3.87 17.49 -39.78
C ARG B 191 -4.65 17.32 -38.48
N VAL B 192 -4.83 18.42 -37.75
CA VAL B 192 -5.55 18.42 -36.49
C VAL B 192 -6.46 19.64 -36.37
N LYS B 193 -7.39 19.60 -35.44
CA LYS B 193 -8.31 20.71 -35.19
C LYS B 193 -8.19 21.17 -33.74
N SER B 199 -11.64 28.22 -33.00
CA SER B 199 -11.16 26.91 -33.41
C SER B 199 -10.55 26.99 -34.80
N PHE B 200 -9.45 26.27 -35.01
CA PHE B 200 -8.80 26.27 -36.30
C PHE B 200 -8.14 24.92 -36.59
N GLU B 201 -7.78 24.71 -37.86
CA GLU B 201 -7.16 23.46 -38.27
C GLU B 201 -5.81 23.75 -38.91
N GLY B 202 -4.99 22.71 -38.99
CA GLY B 202 -3.68 22.85 -39.58
C GLY B 202 -2.87 21.62 -39.29
N ILE B 203 -1.64 21.59 -39.77
CA ILE B 203 -0.77 20.44 -39.55
C ILE B 203 -0.02 20.61 -38.25
N ALA B 204 -0.04 19.57 -37.42
CA ALA B 204 0.75 19.55 -36.20
C ALA B 204 2.22 19.26 -36.51
N GLU B 205 3.01 20.34 -36.52
CA GLU B 205 4.35 20.21 -37.05
C GLU B 205 5.32 19.69 -35.99
N ASP B 206 5.10 20.15 -34.74
CA ASP B 206 6.08 19.87 -33.70
C ASP B 206 5.65 20.48 -32.37
N ILE B 207 6.55 20.29 -31.35
CA ILE B 207 6.37 21.07 -30.14
C ILE B 207 7.65 21.90 -29.97
N ASP B 208 7.46 23.17 -29.56
CA ASP B 208 8.64 24.00 -29.35
C ASP B 208 9.27 23.73 -27.97
N ASP B 209 10.22 24.60 -27.65
CA ASP B 209 11.02 24.43 -26.42
C ASP B 209 10.23 24.66 -25.12
N PHE B 210 9.00 25.21 -25.28
CA PHE B 210 8.11 25.42 -24.14
C PHE B 210 7.02 24.34 -24.03
N GLY B 211 7.07 23.40 -25.00
CA GLY B 211 6.08 22.33 -25.02
C GLY B 211 4.80 22.75 -25.76
N ARG B 212 4.80 23.93 -26.37
CA ARG B 212 3.62 24.40 -27.09
C ARG B 212 3.51 23.65 -28.42
N LEU B 213 2.28 23.35 -28.83
CA LEU B 213 2.07 22.64 -30.09
C LEU B 213 2.15 23.64 -31.23
N ILE B 214 3.00 23.36 -32.21
CA ILE B 214 3.18 24.24 -33.35
C ILE B 214 2.30 23.79 -34.50
N ILE B 215 1.40 24.66 -34.92
CA ILE B 215 0.46 24.36 -35.99
C ILE B 215 0.66 25.25 -37.20
N ARG B 216 0.70 24.64 -38.38
CA ARG B 216 0.85 25.39 -39.63
C ARG B 216 -0.52 25.40 -40.30
N LEU B 217 -1.13 26.59 -40.37
CA LEU B 217 -2.44 26.71 -40.99
C LEU B 217 -2.26 26.70 -42.50
N ASP B 218 -3.34 26.42 -43.23
CA ASP B 218 -3.29 26.37 -44.69
C ASP B 218 -2.81 27.67 -45.33
N SER B 219 -3.03 28.79 -44.65
CA SER B 219 -2.61 30.09 -45.16
C SER B 219 -1.10 30.30 -45.02
N GLY B 220 -0.47 29.40 -44.25
CA GLY B 220 0.96 29.53 -44.01
C GLY B 220 1.24 30.12 -42.62
N GLU B 221 0.17 30.67 -42.01
CA GLU B 221 0.32 31.21 -40.65
C GLU B 221 0.73 30.12 -39.67
N VAL B 222 1.59 30.49 -38.73
CA VAL B 222 2.03 29.56 -37.71
C VAL B 222 1.46 29.99 -36.37
N LYS B 223 0.76 29.07 -35.71
CA LYS B 223 0.18 29.35 -34.40
C LYS B 223 0.80 28.41 -33.38
N LYS B 224 0.92 28.90 -32.15
CA LYS B 224 1.49 28.11 -31.06
C LYS B 224 0.40 27.89 -30.00
N VAL B 225 0.05 26.63 -29.77
CA VAL B 225 -1.00 26.29 -28.81
C VAL B 225 -0.40 25.95 -27.45
N ILE B 226 -0.89 26.63 -26.42
CA ILE B 226 -0.40 26.42 -25.06
C ILE B 226 -1.19 25.38 -24.27
CBB BT5 C . 6.44 -7.90 20.81
OBB BT5 C . 6.85 -7.34 21.88
OCB BT5 C . 6.59 -9.14 20.62
CAB BT5 C . 5.77 -6.99 19.80
C9B BT5 C . 6.32 -6.68 18.68
C8B BT5 C . 5.46 -5.86 17.79
C7B BT5 C . 6.18 -5.55 16.49
C2B BT5 C . 5.40 -4.72 15.50
S1B BT5 C . 6.31 -4.39 13.99
C6B BT5 C . 4.91 -3.39 13.45
C5B BT5 C . 4.65 -2.51 14.69
N1B BT5 C . 5.55 -1.34 14.76
C3B BT5 C . 6.28 -1.39 15.91
O3B BT5 C . 7.15 -0.55 16.26
N2B BT5 C . 5.96 -2.50 16.64
C4B BT5 C . 4.94 -3.29 15.98
P BT5 C . 7.61 -8.08 23.20
OP1 BT5 C . 6.76 -9.22 23.73
OP2 BT5 C . 7.72 -7.05 24.13
O5' BT5 C . 8.84 -8.68 22.72
C5' BT5 C . 10.00 -7.98 22.15
C4' BT5 C . 11.04 -8.95 22.14
O4' BT5 C . 11.10 -9.78 20.99
C3' BT5 C . 12.38 -8.28 22.22
O3' BT5 C . 12.76 -7.89 23.54
C2' BT5 C . 13.32 -9.30 21.59
O2' BT5 C . 13.92 -10.18 22.53
C1' BT5 C . 12.47 -10.04 20.60
N9 BT5 C . 12.56 -9.60 19.14
C8 BT5 C . 12.99 -8.39 18.61
N7 BT5 C . 12.90 -8.43 17.25
C5 BT5 C . 12.41 -9.65 16.91
C6 BT5 C . 12.11 -10.22 15.66
N6 BT5 C . 12.30 -9.57 14.54
N1 BT5 C . 11.60 -11.55 15.66
C2 BT5 C . 11.39 -12.29 16.84
N3 BT5 C . 11.69 -11.71 18.08
C4 BT5 C . 12.20 -10.40 18.09
CBB BT5 D . -7.70 13.25 -19.30
OBB BT5 D . -8.47 14.26 -19.42
OCB BT5 D . -7.41 12.50 -20.27
CAB BT5 D . -7.15 13.03 -17.89
C9B BT5 D . -7.48 12.05 -17.15
C8B BT5 D . -6.72 11.96 -15.87
C7B BT5 D . -7.20 10.76 -15.06
C2B BT5 D . -6.51 10.55 -13.72
S1B BT5 D . -7.16 9.12 -12.87
C6B BT5 D . -6.06 9.51 -11.49
C5B BT5 D . -6.32 11.03 -11.30
N1B BT5 D . -7.53 11.31 -10.49
C3B BT5 D . -8.40 12.03 -11.22
O3B BT5 D . -9.53 12.43 -10.82
N2B BT5 D . -7.92 12.29 -12.48
C4B BT5 D . -6.61 11.70 -12.66
P BT5 D . -9.24 14.79 -20.85
OP1 BT5 D . -8.23 14.98 -21.96
OP2 BT5 D . -9.80 16.01 -20.47
O5' BT5 D . -10.13 13.75 -21.29
C5' BT5 D . -11.29 13.21 -20.61
C4' BT5 D . -12.04 12.55 -21.65
O4' BT5 D . -11.64 11.21 -21.91
C3' BT5 D . -13.48 12.47 -21.25
O3' BT5 D . -14.22 13.67 -21.55
C2' BT5 D . -13.99 11.24 -22.00
O2' BT5 D . -14.55 11.54 -23.26
C1' BT5 D . -12.77 10.34 -22.12
N9 BT5 D . -12.64 9.24 -21.06
C8 BT5 D . -13.23 9.17 -19.80
N7 BT5 D . -12.84 8.03 -19.16
C5 BT5 D . -12.00 7.38 -20.01
C6 BT5 D . -11.30 6.17 -19.84
N6 BT5 D . -11.41 5.46 -18.73
N1 BT5 D . -10.48 5.74 -20.92
C2 BT5 D . -10.34 6.48 -22.12
N3 BT5 D . -11.04 7.69 -22.26
C4 BT5 D . -11.86 8.13 -21.20
#